data_5O9W
#
_entry.id   5O9W
#
_cell.length_a   47.044
_cell.length_b   87.424
_cell.length_c   94.863
_cell.angle_alpha   90.00
_cell.angle_beta   90.00
_cell.angle_gamma   90.00
#
_symmetry.space_group_name_H-M   'P 21 21 21'
#
loop_
_entity.id
_entity.type
_entity.pdbx_description
1 polymer 'Thebaine 6-O-demethylase'
2 non-polymer 'NICKEL (II) ION'
3 non-polymer '2-OXOGLUTARIC ACID'
4 non-polymer 1,2-ETHANEDIOL
5 non-polymer 'UNKNOWN ATOM OR ION'
6 non-polymer DI(HYDROXYETHYL)ETHER
7 non-polymer 'SODIUM ION'
8 water water
#
_entity_poly.entity_id   1
_entity_poly.type   'polypeptide(L)'
_entity_poly.pdbx_seq_one_letter_code
;SNAMEKAKLMKLGNGMEIPSVQELAKLTLAEIPSRYVCANENLLLPMGASVINDHETIPVIDIENLLSPEPIIGKLELDR
LHFACKEWGFFQVVNHGVDASLVDSVKSEIQGFFNLSMDEKTKYEQEDGDVEGFGQGFIESEDQTLDWADIFMMFTLPLH
LRKPHLFSKLPVPLRETIESYSSEMKKLSMVLFNKMEKALQVQAAEIKGMSEVFIDGTQAMRMNYYPPCPQPNLAIGLTS
HSDFGGLTILLQINEVEGLQIKREGTWISVKPLPNAFVVNVGDILEIMTNGIYHSVDHRAVVNSTNERLSIATFHDPSLE
SVIGPISSLITPETPALFKSGSTYGDLVEECKTRKLDGKSFLDSMRI
;
_entity_poly.pdbx_strand_id   A
#
# COMPACT_ATOMS: atom_id res chain seq x y z
N SER A 1 -1.85 -27.83 -17.12
CA SER A 1 -1.79 -28.14 -15.64
C SER A 1 -2.99 -29.00 -15.24
N ASN A 2 -2.74 -29.99 -14.38
CA ASN A 2 -3.58 -31.20 -14.38
C ASN A 2 -4.99 -31.05 -13.78
N ALA A 3 -5.82 -32.07 -14.03
CA ALA A 3 -7.23 -32.08 -13.62
C ALA A 3 -7.42 -31.99 -12.11
N MET A 4 -6.50 -32.57 -11.33
CA MET A 4 -6.54 -32.51 -9.87
C MET A 4 -6.27 -31.10 -9.39
N GLU A 5 -5.37 -30.40 -10.09
CA GLU A 5 -5.03 -29.03 -9.74
C GLU A 5 -6.19 -28.11 -10.03
N LYS A 6 -6.84 -28.31 -11.17
CA LYS A 6 -8.06 -27.59 -11.46
C LYS A 6 -9.09 -27.74 -10.33
N ALA A 7 -9.28 -28.99 -9.89
CA ALA A 7 -10.28 -29.29 -8.85
C ALA A 7 -9.87 -28.66 -7.53
N LYS A 8 -8.59 -28.74 -7.20
CA LYS A 8 -8.11 -28.10 -5.96
C LYS A 8 -8.26 -26.57 -5.97
N LEU A 9 -8.11 -25.97 -7.14
CA LEU A 9 -8.14 -24.51 -7.28
C LEU A 9 -9.54 -23.93 -7.40
N MET A 10 -10.48 -24.70 -7.92
CA MET A 10 -11.80 -24.20 -8.27
C MET A 10 -12.95 -24.77 -7.44
N LYS A 11 -12.77 -25.89 -6.74
CA LYS A 11 -13.86 -26.47 -5.93
C LYS A 11 -13.69 -26.00 -4.50
N LEU A 12 -14.20 -24.80 -4.28
CA LEU A 12 -13.93 -24.02 -3.08
C LEU A 12 -15.16 -23.95 -2.19
N GLY A 13 -14.99 -24.30 -0.92
CA GLY A 13 -16.00 -24.00 0.09
C GLY A 13 -15.55 -22.90 1.05
N ASN A 14 -16.51 -22.30 1.74
CA ASN A 14 -16.23 -21.29 2.75
C ASN A 14 -15.36 -21.91 3.84
N GLY A 15 -14.37 -21.13 4.26
CA GLY A 15 -13.42 -21.58 5.27
C GLY A 15 -12.16 -22.12 4.65
N MET A 16 -12.16 -22.45 3.37
CA MET A 16 -10.94 -22.89 2.70
CA MET A 16 -10.94 -22.90 2.72
C MET A 16 -10.03 -21.70 2.43
N GLU A 17 -8.75 -21.98 2.26
CA GLU A 17 -7.80 -20.94 1.86
C GLU A 17 -8.15 -20.43 0.48
N ILE A 18 -8.09 -19.11 0.32
CA ILE A 18 -8.20 -18.49 -1.00
C ILE A 18 -7.08 -19.03 -1.90
N PRO A 19 -7.45 -19.54 -3.09
CA PRO A 19 -6.43 -20.21 -3.90
C PRO A 19 -5.50 -19.22 -4.61
N SER A 20 -4.36 -19.73 -5.04
CA SER A 20 -3.35 -18.96 -5.80
C SER A 20 -3.88 -18.66 -7.20
N VAL A 21 -3.98 -17.37 -7.51
CA VAL A 21 -4.35 -16.94 -8.86
C VAL A 21 -3.20 -17.13 -9.85
N GLN A 22 -1.96 -17.08 -9.40
CA GLN A 22 -0.84 -17.41 -10.28
C GLN A 22 -0.96 -18.89 -10.76
N GLU A 23 -1.41 -19.77 -9.88
CA GLU A 23 -1.68 -21.17 -10.26
C GLU A 23 -2.91 -21.26 -11.18
N LEU A 24 -3.98 -20.56 -10.82
CA LEU A 24 -5.20 -20.54 -11.63
C LEU A 24 -4.92 -20.07 -13.08
N ALA A 25 -4.05 -19.07 -13.23
CA ALA A 25 -3.73 -18.55 -14.57
C ALA A 25 -3.00 -19.55 -15.49
N LYS A 26 -2.37 -20.56 -14.91
CA LYS A 26 -1.71 -21.64 -15.67
C LYS A 26 -2.72 -22.55 -16.35
N LEU A 27 -3.96 -22.54 -15.86
CA LEU A 27 -5.03 -23.33 -16.48
C LEU A 27 -5.50 -22.71 -17.78
N THR A 28 -5.21 -21.42 -17.98
CA THR A 28 -5.62 -20.65 -19.15
C THR A 28 -7.08 -20.98 -19.52
N LEU A 29 -7.97 -20.62 -18.58
CA LEU A 29 -9.41 -20.85 -18.72
C LEU A 29 -9.94 -19.83 -19.72
N ALA A 30 -11.05 -20.16 -20.37
CA ALA A 30 -11.70 -19.22 -21.28
C ALA A 30 -12.45 -18.19 -20.44
N GLU A 31 -13.21 -18.69 -19.46
CA GLU A 31 -14.05 -17.91 -18.57
C GLU A 31 -13.48 -17.98 -17.15
N ILE A 32 -13.47 -16.84 -16.45
CA ILE A 32 -13.04 -16.81 -15.04
C ILE A 32 -14.10 -17.39 -14.12
N PRO A 33 -13.68 -18.00 -12.99
CA PRO A 33 -14.66 -18.46 -12.03
C PRO A 33 -15.48 -17.31 -11.45
N SER A 34 -16.73 -17.60 -11.10
CA SER A 34 -17.68 -16.60 -10.67
C SER A 34 -17.23 -15.72 -9.50
N ARG A 35 -16.44 -16.29 -8.59
N ARG A 35 -16.45 -16.28 -8.58
CA ARG A 35 -15.93 -15.55 -7.43
CA ARG A 35 -15.96 -15.53 -7.42
C ARG A 35 -15.06 -14.33 -7.79
C ARG A 35 -15.07 -14.32 -7.79
N TYR A 36 -14.49 -14.32 -8.99
CA TYR A 36 -13.62 -13.19 -9.45
C TYR A 36 -14.37 -12.09 -10.20
N VAL A 37 -15.67 -12.26 -10.44
CA VAL A 37 -16.45 -11.27 -11.19
C VAL A 37 -16.88 -10.15 -10.26
N CYS A 38 -16.53 -8.91 -10.57
CA CYS A 38 -17.05 -7.76 -9.79
C CYS A 38 -18.57 -7.54 -9.95
N ALA A 39 -19.18 -6.92 -8.94
CA ALA A 39 -20.58 -6.47 -9.01
C ALA A 39 -20.80 -5.22 -8.16
N LEU A 44 -20.08 1.95 -11.50
CA LEU A 44 -18.66 2.19 -11.74
C LEU A 44 -18.44 3.49 -12.51
N LEU A 45 -17.22 4.01 -12.42
CA LEU A 45 -16.89 5.34 -12.97
C LEU A 45 -16.13 5.23 -14.29
N PRO A 46 -16.21 6.30 -15.13
CA PRO A 46 -15.48 6.31 -16.40
C PRO A 46 -13.98 6.60 -16.22
N MET A 47 -13.20 6.31 -17.27
CA MET A 47 -11.79 6.67 -17.34
C MET A 47 -11.62 8.16 -17.69
N GLY A 48 -10.51 8.76 -17.25
CA GLY A 48 -10.13 10.11 -17.64
C GLY A 48 -9.55 10.10 -19.03
N GLU A 56 -4.43 14.55 -17.79
CA GLU A 56 -3.74 15.10 -16.62
C GLU A 56 -3.21 14.00 -15.69
N THR A 57 -1.95 14.11 -15.28
CA THR A 57 -1.24 13.02 -14.59
C THR A 57 -0.75 13.48 -13.22
N ILE A 58 -0.36 12.51 -12.38
CA ILE A 58 -0.05 12.84 -10.99
C ILE A 58 1.25 13.65 -10.95
N PRO A 59 1.35 14.59 -10.00
CA PRO A 59 2.56 15.41 -9.89
C PRO A 59 3.80 14.58 -9.59
N VAL A 60 4.94 15.18 -9.92
CA VAL A 60 6.25 14.62 -9.67
C VAL A 60 6.97 15.50 -8.69
N ILE A 61 7.52 14.90 -7.63
CA ILE A 61 8.27 15.59 -6.59
C ILE A 61 9.71 15.09 -6.63
N ASP A 62 10.66 16.02 -6.67
CA ASP A 62 12.05 15.69 -6.72
C ASP A 62 12.69 15.83 -5.34
N ILE A 63 13.24 14.74 -4.83
CA ILE A 63 13.71 14.69 -3.42
C ILE A 63 14.98 15.51 -3.23
N GLU A 64 15.84 15.51 -4.24
CA GLU A 64 17.00 16.39 -4.22
C GLU A 64 16.59 17.84 -4.13
N ASN A 65 15.60 18.24 -4.92
CA ASN A 65 15.10 19.63 -4.82
C ASN A 65 14.53 19.91 -3.44
N LEU A 66 13.76 18.95 -2.94
CA LEU A 66 13.18 19.09 -1.61
C LEU A 66 14.22 19.31 -0.52
N LEU A 67 15.34 18.61 -0.61
CA LEU A 67 16.42 18.71 0.37
C LEU A 67 17.53 19.69 -0.01
N SER A 68 17.30 20.52 -1.01
CA SER A 68 18.35 21.39 -1.51
C SER A 68 18.80 22.39 -0.43
N PRO A 69 20.12 22.65 -0.32
CA PRO A 69 20.59 23.69 0.58
C PRO A 69 20.24 25.09 0.09
N GLU A 70 19.82 25.21 -1.17
CA GLU A 70 19.39 26.48 -1.74
C GLU A 70 17.91 26.76 -1.43
N PRO A 71 17.61 27.74 -0.54
CA PRO A 71 16.22 27.97 -0.10
C PRO A 71 15.20 28.18 -1.22
N ILE A 72 15.57 28.86 -2.30
CA ILE A 72 14.62 29.06 -3.41
CA ILE A 72 14.61 29.06 -3.39
C ILE A 72 14.24 27.73 -4.07
N ILE A 73 15.19 26.80 -4.15
CA ILE A 73 14.92 25.48 -4.73
CA ILE A 73 14.92 25.47 -4.73
C ILE A 73 14.04 24.68 -3.77
N GLY A 74 14.44 24.64 -2.51
CA GLY A 74 13.71 23.95 -1.45
C GLY A 74 12.30 24.44 -1.30
N LYS A 75 12.10 25.76 -1.32
CA LYS A 75 10.77 26.33 -1.18
C LYS A 75 9.86 26.00 -2.35
N LEU A 76 10.38 26.06 -3.58
CA LEU A 76 9.55 25.70 -4.74
C LEU A 76 9.10 24.24 -4.64
N GLU A 77 10.01 23.35 -4.23
CA GLU A 77 9.67 21.94 -4.16
C GLU A 77 8.70 21.66 -2.98
N LEU A 78 8.87 22.41 -1.90
CA LEU A 78 7.92 22.35 -0.79
C LEU A 78 6.51 22.74 -1.26
N ASP A 79 6.41 23.83 -2.02
CA ASP A 79 5.13 24.25 -2.63
C ASP A 79 4.54 23.16 -3.50
N ARG A 80 5.38 22.51 -4.28
CA ARG A 80 4.92 21.38 -5.12
C ARG A 80 4.40 20.19 -4.30
N LEU A 81 5.11 19.86 -3.23
CA LEU A 81 4.70 18.77 -2.33
C LEU A 81 3.37 19.08 -1.69
N HIS A 82 3.27 20.29 -1.15
CA HIS A 82 2.06 20.74 -0.50
C HIS A 82 0.87 20.68 -1.46
N PHE A 83 1.07 21.20 -2.68
CA PHE A 83 0.06 21.13 -3.73
C PHE A 83 -0.37 19.70 -4.02
N ALA A 84 0.61 18.80 -4.16
CA ALA A 84 0.27 17.43 -4.53
C ALA A 84 -0.53 16.76 -3.41
N CYS A 85 -0.11 16.98 -2.18
CA CYS A 85 -0.81 16.35 -1.05
C CYS A 85 -2.26 16.84 -0.85
N LYS A 86 -2.49 18.12 -1.10
CA LYS A 86 -3.81 18.71 -1.04
C LYS A 86 -4.71 18.30 -2.18
N GLU A 87 -4.21 18.46 -3.41
CA GLU A 87 -5.05 18.39 -4.62
C GLU A 87 -5.10 17.01 -5.25
N TRP A 88 -4.07 16.21 -5.05
CA TRP A 88 -4.00 14.91 -5.68
C TRP A 88 -3.98 13.72 -4.74
N GLY A 89 -3.31 13.86 -3.59
CA GLY A 89 -3.19 12.75 -2.63
C GLY A 89 -2.21 11.67 -3.03
N PHE A 90 -1.58 11.84 -4.22
CA PHE A 90 -0.69 10.90 -4.89
C PHE A 90 0.35 11.75 -5.61
N PHE A 91 1.59 11.27 -5.61
CA PHE A 91 2.67 11.89 -6.41
C PHE A 91 3.79 10.88 -6.66
N GLN A 92 4.57 11.12 -7.71
CA GLN A 92 5.76 10.33 -7.95
C GLN A 92 6.91 11.00 -7.24
N VAL A 93 7.88 10.22 -6.81
CA VAL A 93 9.13 10.81 -6.30
C VAL A 93 10.30 10.32 -7.14
N VAL A 94 11.13 11.28 -7.56
CA VAL A 94 12.35 11.00 -8.31
C VAL A 94 13.55 11.62 -7.62
N ASN A 95 14.74 11.19 -8.03
CA ASN A 95 15.99 11.55 -7.38
C ASN A 95 15.90 11.37 -5.88
N HIS A 96 15.43 10.18 -5.52
CA HIS A 96 14.98 9.86 -4.16
C HIS A 96 16.08 9.31 -3.27
N GLY A 97 17.27 9.10 -3.80
CA GLY A 97 18.39 8.64 -3.00
C GLY A 97 18.47 7.15 -2.70
N VAL A 98 17.50 6.37 -3.16
CA VAL A 98 17.55 4.93 -2.97
C VAL A 98 18.32 4.33 -4.14
N ASP A 99 19.39 3.64 -3.81
CA ASP A 99 20.34 3.13 -4.78
C ASP A 99 19.69 2.27 -5.84
N ALA A 100 20.00 2.55 -7.10
CA ALA A 100 19.48 1.79 -8.22
C ALA A 100 19.73 0.28 -8.10
N SER A 101 20.88 -0.11 -7.57
CA SER A 101 21.23 -1.52 -7.45
C SER A 101 20.36 -2.20 -6.42
N LEU A 102 19.99 -1.49 -5.35
CA LEU A 102 19.02 -2.01 -4.39
C LEU A 102 17.65 -2.20 -5.03
N VAL A 103 17.16 -1.18 -5.73
CA VAL A 103 15.87 -1.26 -6.40
C VAL A 103 15.85 -2.44 -7.42
N ASP A 104 16.91 -2.57 -8.22
CA ASP A 104 17.06 -3.72 -9.13
C ASP A 104 16.97 -5.06 -8.41
N SER A 105 17.59 -5.15 -7.22
CA SER A 105 17.54 -6.36 -6.42
CA SER A 105 17.55 -6.36 -6.42
C SER A 105 16.16 -6.64 -5.87
N VAL A 106 15.47 -5.59 -5.41
CA VAL A 106 14.08 -5.76 -4.93
C VAL A 106 13.24 -6.33 -6.08
N LYS A 107 13.41 -5.78 -7.28
CA LYS A 107 12.65 -6.27 -8.43
C LYS A 107 12.99 -7.73 -8.76
N SER A 108 14.28 -8.06 -8.84
CA SER A 108 14.70 -9.40 -9.29
C SER A 108 14.41 -10.46 -8.24
N GLU A 109 14.62 -10.14 -6.97
CA GLU A 109 14.35 -11.09 -5.88
C GLU A 109 12.87 -11.35 -5.63
N ILE A 110 12.02 -10.33 -5.80
CA ILE A 110 10.57 -10.54 -5.66
C ILE A 110 10.05 -11.32 -6.87
N GLN A 111 10.48 -10.97 -8.08
CA GLN A 111 10.16 -11.73 -9.29
CA GLN A 111 10.10 -11.75 -9.25
C GLN A 111 10.54 -13.20 -9.08
N GLY A 112 11.75 -13.40 -8.57
CA GLY A 112 12.28 -14.74 -8.26
C GLY A 112 11.39 -15.49 -7.28
N PHE A 113 10.99 -14.78 -6.23
CA PHE A 113 10.16 -15.38 -5.20
C PHE A 113 8.83 -15.89 -5.74
N PHE A 114 8.10 -15.06 -6.48
CA PHE A 114 6.80 -15.50 -7.00
C PHE A 114 6.91 -16.63 -8.02
N ASN A 115 8.05 -16.76 -8.68
CA ASN A 115 8.31 -17.87 -9.59
C ASN A 115 8.70 -19.18 -8.92
N LEU A 116 8.88 -19.18 -7.59
CA LEU A 116 9.06 -20.41 -6.84
C LEU A 116 7.76 -21.19 -6.79
N SER A 117 7.85 -22.49 -6.52
CA SER A 117 6.66 -23.33 -6.35
C SER A 117 5.83 -22.91 -5.15
N MET A 118 4.56 -23.29 -5.15
CA MET A 118 3.69 -23.01 -4.00
C MET A 118 4.25 -23.55 -2.68
N ASP A 119 4.83 -24.74 -2.72
CA ASP A 119 5.47 -25.33 -1.54
C ASP A 119 6.56 -24.43 -0.98
N GLU A 120 7.38 -23.87 -1.86
CA GLU A 120 8.46 -23.01 -1.45
C GLU A 120 7.98 -21.63 -0.96
N LYS A 121 6.89 -21.13 -1.55
CA LYS A 121 6.32 -19.83 -1.15
C LYS A 121 5.54 -19.84 0.17
N THR A 122 5.10 -21.03 0.58
CA THR A 122 4.29 -21.22 1.77
C THR A 122 4.99 -22.08 2.86
N LYS A 123 6.31 -22.08 2.88
CA LYS A 123 7.10 -22.75 3.93
C LYS A 123 6.81 -22.30 5.35
N TYR A 124 6.48 -21.02 5.52
CA TYR A 124 6.15 -20.50 6.83
C TYR A 124 4.81 -21.10 7.35
N GLU A 125 4.86 -21.63 8.57
CA GLU A 125 3.68 -22.19 9.22
CA GLU A 125 3.71 -22.21 9.28
C GLU A 125 3.02 -21.14 10.12
N GLN A 126 1.79 -20.78 9.75
CA GLN A 126 1.03 -19.80 10.52
C GLN A 126 0.28 -20.53 11.63
N GLU A 127 0.42 -20.05 12.87
CA GLU A 127 -0.48 -20.48 13.96
C GLU A 127 -1.79 -19.69 13.78
N ASP A 128 -2.92 -20.24 14.23
CA ASP A 128 -4.23 -19.61 14.03
C ASP A 128 -4.21 -18.14 14.47
N GLY A 129 -4.77 -17.27 13.63
CA GLY A 129 -4.66 -15.82 13.82
C GLY A 129 -3.33 -15.19 13.40
N ASP A 130 -2.39 -15.98 12.88
CA ASP A 130 -1.20 -15.45 12.23
C ASP A 130 -1.53 -15.42 10.73
N VAL A 131 -1.64 -14.22 10.20
CA VAL A 131 -2.05 -14.02 8.83
C VAL A 131 -0.90 -13.53 7.94
N GLU A 132 0.33 -13.44 8.47
CA GLU A 132 1.43 -12.84 7.71
C GLU A 132 2.07 -13.84 6.74
N GLY A 133 2.67 -13.30 5.68
CA GLY A 133 3.34 -14.13 4.69
C GLY A 133 2.52 -14.22 3.41
N PHE A 134 2.66 -15.33 2.71
CA PHE A 134 1.91 -15.57 1.48
C PHE A 134 0.44 -15.81 1.79
N GLY A 135 -0.45 -15.27 0.96
CA GLY A 135 -1.85 -15.63 1.03
C GLY A 135 -2.85 -14.51 1.24
N GLN A 136 -3.99 -14.65 0.56
CA GLN A 136 -5.09 -13.69 0.62
C GLN A 136 -6.08 -13.93 1.78
N GLY A 137 -5.89 -15.01 2.52
CA GLY A 137 -6.73 -15.39 3.65
C GLY A 137 -7.69 -16.53 3.30
N PHE A 138 -8.89 -16.47 3.87
CA PHE A 138 -9.88 -17.56 3.74
C PHE A 138 -11.17 -17.11 3.08
N ILE A 139 -11.84 -18.05 2.41
CA ILE A 139 -13.10 -17.77 1.74
CA ILE A 139 -13.10 -17.79 1.74
C ILE A 139 -14.16 -17.60 2.83
N GLU A 140 -14.81 -16.44 2.83
CA GLU A 140 -15.77 -16.09 3.89
C GLU A 140 -17.22 -16.47 3.59
N SER A 141 -17.63 -16.32 2.35
CA SER A 141 -19.02 -16.57 1.91
C SER A 141 -19.06 -16.73 0.40
N GLU A 142 -20.17 -17.25 -0.13
CA GLU A 142 -20.40 -17.24 -1.58
C GLU A 142 -20.53 -15.80 -2.14
N ASP A 143 -20.94 -14.86 -1.31
CA ASP A 143 -21.02 -13.42 -1.67
C ASP A 143 -19.65 -12.78 -1.99
N GLN A 144 -18.57 -13.35 -1.45
CA GLN A 144 -17.29 -12.69 -1.46
C GLN A 144 -16.66 -12.68 -2.84
N THR A 145 -16.15 -11.50 -3.23
CA THR A 145 -15.44 -11.34 -4.52
C THR A 145 -13.97 -11.48 -4.22
N LEU A 146 -13.29 -12.28 -5.03
CA LEU A 146 -11.85 -12.47 -4.87
C LEU A 146 -11.12 -11.59 -5.86
N ASP A 147 -10.02 -11.01 -5.41
CA ASP A 147 -9.12 -10.27 -6.30
C ASP A 147 -8.33 -11.23 -7.16
N TRP A 148 -8.05 -10.78 -8.38
CA TRP A 148 -7.19 -11.49 -9.31
C TRP A 148 -5.72 -11.17 -9.02
N ALA A 149 -5.25 -11.70 -7.89
CA ALA A 149 -3.91 -11.39 -7.37
C ALA A 149 -3.54 -12.35 -6.26
N ASP A 150 -2.23 -12.56 -6.13
CA ASP A 150 -1.64 -13.19 -4.95
C ASP A 150 -0.79 -12.16 -4.24
N ILE A 151 -0.67 -12.33 -2.93
CA ILE A 151 0.10 -11.42 -2.13
C ILE A 151 1.06 -12.12 -1.15
N PHE A 152 2.05 -11.35 -0.77
CA PHE A 152 2.90 -11.64 0.36
C PHE A 152 2.95 -10.38 1.18
N MET A 153 2.48 -10.44 2.44
CA MET A 153 2.39 -9.24 3.27
CA MET A 153 2.35 -9.26 3.31
C MET A 153 2.90 -9.54 4.69
N MET A 154 3.72 -8.63 5.21
CA MET A 154 4.28 -8.78 6.55
CA MET A 154 4.30 -8.79 6.54
C MET A 154 4.69 -7.45 7.14
N PHE A 155 4.69 -7.39 8.47
CA PHE A 155 5.26 -6.27 9.19
C PHE A 155 6.76 -6.31 9.05
N THR A 156 7.35 -5.12 8.94
CA THR A 156 8.78 -4.95 8.79
C THR A 156 9.44 -4.03 9.83
N LEU A 157 8.66 -3.12 10.43
CA LEU A 157 9.12 -2.33 11.59
C LEU A 157 7.99 -2.07 12.54
N PRO A 158 8.29 -1.89 13.83
CA PRO A 158 9.62 -2.08 14.42
C PRO A 158 10.07 -3.54 14.39
N LEU A 159 11.34 -3.78 14.72
CA LEU A 159 11.91 -5.13 14.62
C LEU A 159 11.09 -6.21 15.34
N HIS A 160 10.53 -5.87 16.50
CA HIS A 160 9.76 -6.83 17.30
C HIS A 160 8.41 -7.21 16.71
N LEU A 161 7.95 -6.53 15.67
CA LEU A 161 6.76 -6.96 14.94
C LEU A 161 7.04 -7.91 13.77
N ARG A 162 8.30 -8.04 13.38
CA ARG A 162 8.72 -9.03 12.37
C ARG A 162 8.45 -10.43 12.90
N LYS A 163 7.85 -11.30 12.09
CA LYS A 163 7.61 -12.66 12.49
C LYS A 163 8.92 -13.39 12.24
N PRO A 164 9.62 -13.80 13.33
CA PRO A 164 10.99 -14.29 13.09
C PRO A 164 11.07 -15.55 12.23
N HIS A 165 10.08 -16.45 12.34
CA HIS A 165 10.11 -17.66 11.53
C HIS A 165 9.77 -17.40 10.09
N LEU A 166 8.95 -16.37 9.82
CA LEU A 166 8.63 -15.98 8.45
CA LEU A 166 8.62 -15.96 8.46
C LEU A 166 9.89 -15.47 7.77
N PHE A 167 10.57 -14.52 8.41
CA PHE A 167 11.84 -14.00 7.88
C PHE A 167 12.89 -15.10 7.67
N SER A 168 12.97 -16.05 8.60
CA SER A 168 13.96 -17.13 8.48
CA SER A 168 13.92 -17.16 8.53
C SER A 168 13.68 -18.06 7.31
N LYS A 169 12.44 -18.14 6.86
CA LYS A 169 12.10 -19.04 5.74
C LYS A 169 12.15 -18.40 4.37
N LEU A 170 12.37 -17.09 4.33
CA LEU A 170 12.60 -16.41 3.04
C LEU A 170 13.95 -16.81 2.46
N PRO A 171 14.06 -16.87 1.11
CA PRO A 171 15.38 -16.96 0.50
C PRO A 171 16.27 -15.86 1.06
N VAL A 172 17.52 -16.20 1.35
CA VAL A 172 18.44 -15.25 1.97
C VAL A 172 18.60 -13.92 1.18
N PRO A 173 18.81 -13.99 -0.16
CA PRO A 173 19.00 -12.71 -0.84
C PRO A 173 17.73 -11.82 -0.82
N LEU A 174 16.56 -12.44 -0.92
CA LEU A 174 15.31 -11.69 -0.75
C LEU A 174 15.24 -11.07 0.64
N ARG A 175 15.49 -11.85 1.68
CA ARG A 175 15.41 -11.32 3.05
C ARG A 175 16.41 -10.15 3.22
N GLU A 176 17.65 -10.35 2.82
CA GLU A 176 18.63 -9.27 3.01
C GLU A 176 18.26 -8.02 2.23
N THR A 177 17.81 -8.20 0.99
CA THR A 177 17.31 -7.09 0.19
C THR A 177 16.11 -6.38 0.81
N ILE A 178 15.13 -7.15 1.30
CA ILE A 178 13.98 -6.57 2.02
C ILE A 178 14.40 -5.80 3.27
N GLU A 179 15.37 -6.30 4.02
CA GLU A 179 15.83 -5.60 5.23
C GLU A 179 16.48 -4.25 4.85
N SER A 180 17.29 -4.23 3.79
N SER A 180 17.27 -4.23 3.79
CA SER A 180 17.89 -3.00 3.30
CA SER A 180 17.89 -3.01 3.33
C SER A 180 16.82 -2.02 2.80
C SER A 180 16.84 -2.02 2.78
N TYR A 181 15.91 -2.55 1.98
CA TYR A 181 14.80 -1.74 1.44
C TYR A 181 13.91 -1.16 2.53
N SER A 182 13.64 -1.96 3.58
CA SER A 182 12.91 -1.44 4.76
C SER A 182 13.55 -0.19 5.31
N SER A 183 14.87 -0.21 5.51
CA SER A 183 15.61 0.94 6.04
CA SER A 183 15.57 0.95 6.05
C SER A 183 15.54 2.16 5.12
N GLU A 184 15.72 1.94 3.83
CA GLU A 184 15.68 3.01 2.87
C GLU A 184 14.27 3.61 2.71
N MET A 185 13.25 2.75 2.67
CA MET A 185 11.88 3.22 2.66
C MET A 185 11.56 4.06 3.91
N LYS A 186 11.97 3.57 5.07
CA LYS A 186 11.74 4.30 6.33
C LYS A 186 12.40 5.69 6.29
N LYS A 187 13.63 5.76 5.84
CA LYS A 187 14.36 7.03 5.70
CA LYS A 187 14.38 7.02 5.68
C LYS A 187 13.62 7.99 4.76
N LEU A 188 13.23 7.49 3.58
CA LEU A 188 12.48 8.31 2.63
C LEU A 188 11.12 8.79 3.21
N SER A 189 10.40 7.90 3.89
CA SER A 189 9.17 8.28 4.53
C SER A 189 9.39 9.45 5.51
N MET A 190 10.51 9.44 6.23
CA MET A 190 10.73 10.47 7.24
C MET A 190 11.14 11.78 6.61
N VAL A 191 11.91 11.72 5.52
CA VAL A 191 12.13 12.89 4.68
C VAL A 191 10.80 13.55 4.29
N LEU A 192 9.87 12.75 3.80
CA LEU A 192 8.56 13.25 3.41
C LEU A 192 7.71 13.74 4.57
N PHE A 193 7.66 13.00 5.69
CA PHE A 193 6.88 13.49 6.85
C PHE A 193 7.44 14.82 7.39
N ASN A 194 8.76 14.90 7.49
CA ASN A 194 9.42 16.12 7.95
C ASN A 194 9.09 17.33 7.07
N LYS A 195 9.07 17.16 5.75
CA LYS A 195 8.74 18.26 4.83
C LYS A 195 7.25 18.59 4.82
N MET A 196 6.42 17.57 4.93
CA MET A 196 4.98 17.81 5.07
C MET A 196 4.70 18.65 6.34
N GLU A 197 5.39 18.34 7.44
CA GLU A 197 5.30 19.17 8.67
C GLU A 197 5.65 20.62 8.41
N LYS A 198 6.72 20.82 7.67
CA LYS A 198 7.19 22.13 7.34
C LYS A 198 6.20 22.84 6.44
N ALA A 199 5.69 22.12 5.45
CA ALA A 199 4.68 22.69 4.54
C ALA A 199 3.41 23.11 5.30
N LEU A 200 2.99 22.28 6.26
CA LEU A 200 1.83 22.60 7.06
C LEU A 200 2.09 23.63 8.18
N GLN A 201 3.35 24.03 8.36
CA GLN A 201 3.80 25.01 9.37
C GLN A 201 3.52 24.52 10.79
N VAL A 202 3.74 23.23 11.01
CA VAL A 202 3.58 22.64 12.34
C VAL A 202 4.97 22.65 12.99
N GLN A 203 5.10 23.39 14.08
CA GLN A 203 6.31 23.37 14.94
C GLN A 203 6.25 22.15 15.84
N ALA A 204 7.10 21.16 15.55
CA ALA A 204 7.17 19.91 16.32
C ALA A 204 7.44 20.10 17.82
N ALA A 205 8.15 21.18 18.18
CA ALA A 205 8.51 21.48 19.57
C ALA A 205 7.28 21.87 20.39
N GLU A 206 6.60 22.93 19.95
CA GLU A 206 5.41 23.43 20.67
C GLU A 206 4.19 22.48 20.58
N ILE A 207 4.05 21.78 19.46
CA ILE A 207 2.81 21.12 19.07
C ILE A 207 3.03 19.61 18.96
N LYS A 208 2.05 18.81 19.38
CA LYS A 208 2.06 17.39 19.03
C LYS A 208 1.81 17.28 17.53
N GLY A 209 2.89 17.03 16.80
CA GLY A 209 2.87 17.10 15.35
C GLY A 209 2.72 15.75 14.69
N MET A 210 3.37 15.65 13.54
CA MET A 210 3.22 14.54 12.63
C MET A 210 4.40 13.59 12.76
N SER A 211 5.61 14.09 12.58
CA SER A 211 6.78 13.23 12.48
C SER A 211 6.98 12.33 13.70
N GLU A 212 6.68 12.84 14.89
CA GLU A 212 6.85 12.07 16.13
C GLU A 212 5.96 10.83 16.18
N VAL A 213 4.82 10.88 15.50
CA VAL A 213 3.89 9.77 15.42
C VAL A 213 4.46 8.62 14.58
N PHE A 214 5.26 8.97 13.57
CA PHE A 214 5.76 8.02 12.59
C PHE A 214 7.20 7.54 12.82
N ILE A 215 8.01 8.32 13.52
CA ILE A 215 9.44 8.03 13.70
C ILE A 215 9.65 6.64 14.31
N ASP A 216 8.82 6.25 15.27
CA ASP A 216 8.89 4.93 15.86
C ASP A 216 7.60 4.19 15.61
N GLY A 217 7.03 4.39 14.42
CA GLY A 217 5.78 3.80 14.02
C GLY A 217 5.98 2.43 13.40
N THR A 218 4.93 1.93 12.77
CA THR A 218 4.95 0.60 12.18
C THR A 218 5.21 0.74 10.68
N GLN A 219 5.82 -0.29 10.10
CA GLN A 219 6.04 -0.39 8.67
C GLN A 219 5.66 -1.80 8.26
N ALA A 220 5.01 -1.92 7.11
CA ALA A 220 4.68 -3.21 6.55
C ALA A 220 4.86 -3.16 5.04
N MET A 221 5.04 -4.33 4.45
CA MET A 221 5.14 -4.44 3.00
C MET A 221 4.10 -5.41 2.48
N ARG A 222 3.53 -5.07 1.33
CA ARG A 222 2.61 -5.92 0.61
C ARG A 222 3.18 -6.06 -0.80
N MET A 223 3.59 -7.27 -1.14
CA MET A 223 4.04 -7.62 -2.49
C MET A 223 2.83 -8.16 -3.25
N ASN A 224 2.55 -7.57 -4.40
CA ASN A 224 1.37 -7.89 -5.18
C ASN A 224 1.78 -8.56 -6.47
N TYR A 225 1.20 -9.72 -6.76
CA TYR A 225 1.42 -10.43 -8.04
C TYR A 225 0.09 -10.54 -8.77
N TYR A 226 0.00 -9.88 -9.92
CA TYR A 226 -1.24 -9.82 -10.68
C TYR A 226 -1.07 -10.64 -11.96
N PRO A 227 -1.59 -11.90 -11.99
CA PRO A 227 -1.37 -12.67 -13.20
C PRO A 227 -2.22 -12.10 -14.36
N PRO A 228 -1.90 -12.48 -15.59
CA PRO A 228 -2.84 -12.16 -16.68
C PRO A 228 -4.21 -12.83 -16.42
N CYS A 229 -5.27 -12.20 -16.93
CA CYS A 229 -6.63 -12.58 -16.71
C CYS A 229 -7.35 -12.64 -18.05
N PRO A 230 -8.03 -13.76 -18.37
CA PRO A 230 -8.70 -13.84 -19.69
C PRO A 230 -9.93 -12.93 -19.82
N GLN A 231 -10.50 -12.48 -18.70
CA GLN A 231 -11.67 -11.60 -18.69
C GLN A 231 -11.41 -10.37 -17.82
N PRO A 232 -10.47 -9.52 -18.24
CA PRO A 232 -9.99 -8.39 -17.44
C PRO A 232 -11.00 -7.30 -17.20
N ASN A 233 -12.07 -7.25 -18.00
CA ASN A 233 -13.19 -6.36 -17.76
C ASN A 233 -14.25 -6.91 -16.83
N LEU A 234 -14.06 -8.11 -16.30
CA LEU A 234 -14.94 -8.64 -15.25
C LEU A 234 -14.26 -8.69 -13.89
N ALA A 235 -12.94 -8.77 -13.88
CA ALA A 235 -12.14 -8.97 -12.67
C ALA A 235 -11.37 -7.72 -12.30
N ILE A 236 -10.86 -7.72 -11.06
CA ILE A 236 -10.01 -6.64 -10.56
C ILE A 236 -8.77 -7.24 -9.87
N GLY A 237 -7.63 -6.59 -10.09
CA GLY A 237 -6.37 -6.99 -9.46
C GLY A 237 -6.38 -6.73 -7.98
N LEU A 238 -6.68 -5.49 -7.62
CA LEU A 238 -6.84 -5.09 -6.25
C LEU A 238 -8.06 -4.15 -6.17
N THR A 239 -9.07 -4.58 -5.42
CA THR A 239 -10.30 -3.84 -5.23
C THR A 239 -10.06 -2.41 -4.78
N SER A 240 -10.86 -1.49 -5.31
CA SER A 240 -10.83 -0.08 -4.91
C SER A 240 -10.75 0.07 -3.38
N HIS A 241 -9.83 0.91 -2.93
CA HIS A 241 -9.63 1.17 -1.51
C HIS A 241 -8.86 2.46 -1.32
N SER A 242 -8.93 3.02 -0.12
CA SER A 242 -7.94 4.00 0.31
C SER A 242 -7.04 3.29 1.31
N ASP A 243 -5.75 3.64 1.31
CA ASP A 243 -4.82 3.07 2.26
C ASP A 243 -5.17 3.64 3.64
N PHE A 244 -5.10 2.80 4.67
CA PHE A 244 -5.61 3.19 5.99
C PHE A 244 -4.70 4.13 6.79
N GLY A 245 -3.39 3.96 6.64
CA GLY A 245 -2.43 4.55 7.55
C GLY A 245 -1.82 5.87 7.15
N GLY A 246 -0.49 5.97 7.25
CA GLY A 246 0.22 7.20 7.04
C GLY A 246 0.64 7.51 5.61
N LEU A 247 1.83 7.04 5.22
N LEU A 247 1.79 6.98 5.21
CA LEU A 247 2.34 7.22 3.87
CA LEU A 247 2.34 7.19 3.89
C LEU A 247 2.69 5.87 3.24
C LEU A 247 2.71 5.88 3.24
N THR A 248 2.19 5.66 2.03
CA THR A 248 2.53 4.48 1.24
C THR A 248 3.56 4.87 0.19
N ILE A 249 4.61 4.07 0.04
CA ILE A 249 5.64 4.25 -1.00
C ILE A 249 5.61 2.98 -1.84
N LEU A 250 5.18 3.11 -3.10
CA LEU A 250 4.95 1.96 -3.98
C LEU A 250 6.03 1.90 -5.06
N LEU A 251 6.53 0.69 -5.29
CA LEU A 251 7.41 0.38 -6.41
C LEU A 251 6.67 -0.54 -7.36
N GLN A 252 6.56 -0.11 -8.62
CA GLN A 252 6.09 -1.00 -9.66
C GLN A 252 7.29 -1.77 -10.14
N ILE A 253 7.19 -3.09 -10.05
CA ILE A 253 8.34 -3.99 -10.20
C ILE A 253 8.68 -4.27 -11.67
N ASN A 254 7.67 -4.34 -12.52
CA ASN A 254 7.88 -4.50 -13.97
C ASN A 254 7.15 -3.39 -14.73
N GLU A 255 7.29 -3.37 -16.06
CA GLU A 255 6.82 -2.25 -16.84
C GLU A 255 5.41 -2.48 -17.38
N VAL A 256 4.54 -3.02 -16.52
CA VAL A 256 3.17 -3.27 -16.88
C VAL A 256 2.30 -2.31 -16.06
N GLU A 257 1.41 -1.62 -16.75
CA GLU A 257 0.58 -0.62 -16.11
C GLU A 257 -0.64 -1.23 -15.48
N GLY A 258 -1.15 -0.56 -14.45
CA GLY A 258 -2.29 -1.09 -13.72
C GLY A 258 -2.86 -0.29 -12.58
N LEU A 259 -2.02 0.54 -11.96
CA LEU A 259 -2.49 1.41 -10.90
C LEU A 259 -3.41 2.51 -11.47
N GLN A 260 -4.58 2.67 -10.85
CA GLN A 260 -5.49 3.78 -11.16
C GLN A 260 -5.99 4.44 -9.91
N ILE A 261 -6.21 5.77 -9.96
CA ILE A 261 -6.70 6.52 -8.81
C ILE A 261 -8.00 7.24 -9.19
N LYS A 262 -8.85 7.45 -8.18
CA LYS A 262 -10.19 7.97 -8.38
CA LYS A 262 -10.19 7.96 -8.37
C LYS A 262 -10.15 9.45 -8.11
N ARG A 263 -10.36 10.23 -9.18
CA ARG A 263 -10.24 11.66 -9.19
C ARG A 263 -11.48 12.25 -9.87
N GLU A 264 -12.20 13.06 -9.11
CA GLU A 264 -13.42 13.74 -9.56
CA GLU A 264 -13.42 13.74 -9.54
C GLU A 264 -14.39 12.84 -10.31
N GLY A 265 -14.69 11.70 -9.68
CA GLY A 265 -15.60 10.72 -10.21
C GLY A 265 -15.13 9.99 -11.45
N THR A 266 -13.82 9.98 -11.72
CA THR A 266 -13.26 9.23 -12.85
C THR A 266 -11.98 8.50 -12.41
N TRP A 267 -11.71 7.37 -13.06
CA TRP A 267 -10.45 6.64 -12.85
C TRP A 267 -9.35 7.17 -13.76
N ILE A 268 -8.21 7.51 -13.18
CA ILE A 268 -7.06 8.03 -13.86
C ILE A 268 -5.98 6.97 -13.76
N SER A 269 -5.37 6.60 -14.87
CA SER A 269 -4.19 5.74 -14.89
C SER A 269 -2.94 6.46 -14.37
N VAL A 270 -2.14 5.74 -13.59
CA VAL A 270 -0.84 6.21 -13.15
C VAL A 270 0.20 5.36 -13.84
N LYS A 271 1.15 6.02 -14.50
CA LYS A 271 2.27 5.37 -15.17
C LYS A 271 3.57 5.74 -14.48
N PRO A 272 4.10 4.84 -13.63
CA PRO A 272 5.31 5.17 -12.89
C PRO A 272 6.46 5.49 -13.83
N LEU A 273 7.18 6.57 -13.52
CA LEU A 273 8.40 6.91 -14.27
C LEU A 273 9.47 5.85 -13.99
N PRO A 274 10.45 5.68 -14.91
N PRO A 274 10.48 5.76 -14.87
CA PRO A 274 11.40 4.55 -14.78
CA PRO A 274 11.66 4.97 -14.55
C PRO A 274 12.15 4.47 -13.44
C PRO A 274 12.34 5.48 -13.29
N ASN A 275 12.57 5.61 -12.92
N ASN A 275 12.70 4.58 -12.39
CA ASN A 275 13.30 5.63 -11.66
CA ASN A 275 13.39 5.00 -11.20
C ASN A 275 12.48 6.32 -10.56
C ASN A 275 12.57 5.99 -10.32
N ALA A 276 11.23 5.89 -10.36
CA ALA A 276 10.35 6.59 -9.44
C ALA A 276 9.64 5.64 -8.51
N PHE A 277 9.30 6.13 -7.32
CA PHE A 277 8.29 5.51 -6.49
C PHE A 277 7.01 6.32 -6.59
N VAL A 278 5.86 5.70 -6.30
CA VAL A 278 4.59 6.41 -6.23
C VAL A 278 4.22 6.49 -4.77
N VAL A 279 3.91 7.70 -4.31
CA VAL A 279 3.67 7.94 -2.88
C VAL A 279 2.24 8.38 -2.72
N ASN A 280 1.55 7.91 -1.68
CA ASN A 280 0.20 8.43 -1.41
C ASN A 280 -0.10 8.53 0.07
N VAL A 281 -0.99 9.47 0.34
CA VAL A 281 -1.50 9.81 1.64
C VAL A 281 -2.52 8.76 2.04
N GLY A 282 -2.43 8.29 3.28
CA GLY A 282 -3.43 7.37 3.87
C GLY A 282 -4.46 8.07 4.78
N ASP A 283 -5.51 7.33 5.12
CA ASP A 283 -6.63 7.90 5.87
C ASP A 283 -6.22 8.55 7.19
N ILE A 284 -5.35 7.88 7.95
CA ILE A 284 -4.87 8.44 9.21
C ILE A 284 -4.11 9.74 8.99
N LEU A 285 -3.32 9.83 7.92
CA LEU A 285 -2.63 11.08 7.65
C LEU A 285 -3.64 12.18 7.27
N GLU A 286 -4.67 11.84 6.49
CA GLU A 286 -5.76 12.81 6.25
C GLU A 286 -6.33 13.34 7.58
N ILE A 287 -6.60 12.43 8.51
CA ILE A 287 -7.14 12.86 9.81
C ILE A 287 -6.19 13.78 10.55
N MET A 288 -4.92 13.38 10.62
CA MET A 288 -3.90 14.19 11.32
C MET A 288 -3.74 15.58 10.72
N THR A 289 -3.89 15.70 9.39
CA THR A 289 -3.86 17.01 8.72
C THR A 289 -5.19 17.77 8.76
N ASN A 290 -6.18 17.29 9.52
CA ASN A 290 -7.50 17.92 9.59
C ASN A 290 -8.12 18.07 8.19
N GLY A 291 -7.92 17.06 7.35
CA GLY A 291 -8.51 17.03 6.03
C GLY A 291 -7.82 17.92 5.01
N ILE A 292 -6.67 18.48 5.34
CA ILE A 292 -5.94 19.34 4.40
C ILE A 292 -5.25 18.51 3.31
N TYR A 293 -4.67 17.38 3.72
CA TYR A 293 -4.16 16.38 2.77
C TYR A 293 -5.18 15.25 2.65
N HIS A 294 -5.30 14.69 1.44
CA HIS A 294 -6.37 13.77 1.09
C HIS A 294 -5.89 12.37 0.74
N SER A 295 -6.53 11.40 1.40
CA SER A 295 -6.37 9.99 1.13
C SER A 295 -7.34 9.63 0.01
N VAL A 296 -6.80 9.11 -1.09
CA VAL A 296 -7.52 8.94 -2.34
C VAL A 296 -7.75 7.48 -2.65
N ASP A 297 -8.94 7.19 -3.17
CA ASP A 297 -9.30 5.81 -3.55
C ASP A 297 -8.47 5.39 -4.76
N HIS A 298 -8.01 4.14 -4.76
CA HIS A 298 -7.24 3.63 -5.88
C HIS A 298 -7.45 2.11 -6.03
N ARG A 299 -7.13 1.62 -7.20
CA ARG A 299 -7.28 0.18 -7.54
C ARG A 299 -6.17 -0.26 -8.47
N ALA A 300 -6.06 -1.55 -8.69
CA ALA A 300 -5.14 -2.07 -9.68
C ALA A 300 -5.92 -2.96 -10.61
N VAL A 301 -5.77 -2.69 -11.90
CA VAL A 301 -6.51 -3.44 -12.92
C VAL A 301 -5.56 -4.49 -13.50
N VAL A 302 -6.17 -5.56 -13.99
CA VAL A 302 -5.45 -6.63 -14.66
C VAL A 302 -5.63 -6.54 -16.17
N ASN A 303 -4.86 -7.32 -16.88
CA ASN A 303 -4.92 -7.35 -18.35
C ASN A 303 -4.78 -8.79 -18.84
N SER A 304 -5.05 -9.01 -20.11
CA SER A 304 -5.16 -10.37 -20.66
C SER A 304 -3.84 -10.99 -21.06
N THR A 305 -2.77 -10.19 -21.08
CA THR A 305 -1.48 -10.63 -21.65
C THR A 305 -0.27 -10.73 -20.73
N ASN A 306 -0.11 -9.83 -19.75
CA ASN A 306 1.12 -9.78 -18.95
C ASN A 306 0.82 -9.69 -17.48
N GLU A 307 1.57 -10.45 -16.68
CA GLU A 307 1.59 -10.25 -15.24
C GLU A 307 2.15 -8.88 -14.88
N ARG A 308 1.67 -8.35 -13.76
CA ARG A 308 2.15 -7.09 -13.18
C ARG A 308 2.56 -7.40 -11.74
N LEU A 309 3.69 -6.87 -11.31
CA LEU A 309 4.13 -6.96 -9.92
C LEU A 309 4.32 -5.56 -9.31
N SER A 310 4.07 -5.44 -8.01
CA SER A 310 4.31 -4.22 -7.28
C SER A 310 4.62 -4.55 -5.82
N ILE A 311 5.29 -3.61 -5.14
CA ILE A 311 5.49 -3.72 -3.69
C ILE A 311 5.15 -2.37 -3.07
N ALA A 312 4.19 -2.40 -2.15
CA ALA A 312 3.75 -1.24 -1.42
C ALA A 312 4.38 -1.32 -0.01
N THR A 313 5.01 -0.24 0.42
CA THR A 313 5.55 -0.14 1.77
C THR A 313 4.79 0.94 2.55
N PHE A 314 4.11 0.52 3.61
CA PHE A 314 3.22 1.36 4.37
C PHE A 314 3.92 1.86 5.61
N HIS A 315 3.77 3.16 5.89
CA HIS A 315 4.39 3.82 7.05
C HIS A 315 3.29 4.42 7.90
N ASP A 316 3.12 3.84 9.09
CA ASP A 316 1.93 4.03 9.89
C ASP A 316 2.32 4.46 11.32
N PRO A 317 1.35 4.89 12.13
CA PRO A 317 1.72 5.28 13.49
C PRO A 317 2.12 4.08 14.33
N SER A 318 2.66 4.34 15.52
CA SER A 318 2.78 3.25 16.49
C SER A 318 1.38 2.86 16.91
N LEU A 319 1.23 1.63 17.32
CA LEU A 319 -0.07 1.10 17.70
C LEU A 319 -0.68 1.89 18.86
N GLU A 320 0.16 2.46 19.73
CA GLU A 320 -0.34 3.26 20.84
C GLU A 320 -0.41 4.75 20.59
N SER A 321 -0.10 5.20 19.36
CA SER A 321 -0.25 6.63 19.06
C SER A 321 -1.69 7.04 19.15
N VAL A 322 -1.93 8.14 19.87
CA VAL A 322 -3.22 8.77 19.91
C VAL A 322 -3.40 9.66 18.64
N ILE A 323 -4.51 9.42 17.96
CA ILE A 323 -4.77 9.98 16.65
C ILE A 323 -5.85 11.06 16.74
N GLY A 324 -5.54 12.17 16.12
CA GLY A 324 -6.54 13.21 15.86
C GLY A 324 -5.88 14.33 15.06
N PRO A 325 -6.69 15.30 14.60
CA PRO A 325 -6.13 16.44 13.87
C PRO A 325 -5.17 17.25 14.72
N ILE A 326 -4.07 17.65 14.09
CA ILE A 326 -3.03 18.37 14.75
C ILE A 326 -3.62 19.72 15.12
N SER A 327 -3.47 20.10 16.38
CA SER A 327 -4.17 21.28 16.91
C SER A 327 -3.86 22.56 16.14
N SER A 328 -2.63 22.77 15.66
CA SER A 328 -2.36 24.02 14.90
C SER A 328 -3.00 24.10 13.51
N LEU A 329 -3.53 22.98 13.02
CA LEU A 329 -4.31 22.93 11.79
C LEU A 329 -5.80 23.10 12.02
N ILE A 330 -6.21 23.26 13.28
CA ILE A 330 -7.58 23.55 13.64
C ILE A 330 -7.65 25.06 13.88
N THR A 331 -8.35 25.78 13.01
CA THR A 331 -8.36 27.24 13.03
C THR A 331 -9.74 27.70 12.63
N PRO A 332 -10.05 29.01 12.82
CA PRO A 332 -11.39 29.44 12.34
C PRO A 332 -11.65 29.18 10.84
N GLU A 333 -10.59 29.27 10.03
CA GLU A 333 -10.67 29.00 8.58
C GLU A 333 -10.72 27.50 8.28
N THR A 334 -10.16 26.67 9.18
CA THR A 334 -10.14 25.20 9.03
C THR A 334 -10.59 24.54 10.33
N PRO A 335 -11.90 24.58 10.62
CA PRO A 335 -12.35 23.99 11.88
C PRO A 335 -12.14 22.48 11.89
N ALA A 336 -12.13 21.93 13.10
CA ALA A 336 -11.91 20.49 13.28
C ALA A 336 -12.96 19.67 12.54
N LEU A 337 -12.49 18.78 11.67
CA LEU A 337 -13.39 17.93 10.88
C LEU A 337 -13.56 16.52 11.43
N PHE A 338 -12.59 16.07 12.22
CA PHE A 338 -12.53 14.69 12.67
C PHE A 338 -12.39 14.60 14.20
N LYS A 339 -12.93 13.51 14.71
CA LYS A 339 -12.80 13.10 16.11
CA LYS A 339 -12.81 13.12 16.11
C LYS A 339 -11.33 12.94 16.50
N SER A 340 -11.07 13.00 17.81
CA SER A 340 -9.74 12.75 18.34
C SER A 340 -9.80 11.73 19.47
N GLY A 341 -8.66 11.09 19.73
CA GLY A 341 -8.44 10.40 21.01
C GLY A 341 -8.36 8.89 20.99
N SER A 342 -8.70 8.22 19.88
CA SER A 342 -8.44 6.77 19.77
C SER A 342 -6.99 6.47 19.42
N THR A 343 -6.49 5.33 19.91
CA THR A 343 -5.18 4.85 19.51
C THR A 343 -5.29 4.30 18.08
N TYR A 344 -4.19 4.36 17.35
CA TYR A 344 -4.13 3.79 16.00
C TYR A 344 -4.52 2.32 16.00
N GLY A 345 -3.94 1.55 16.94
CA GLY A 345 -4.28 0.14 17.05
C GLY A 345 -5.76 -0.11 17.28
N ASP A 346 -6.42 0.70 18.11
CA ASP A 346 -7.90 0.58 18.26
C ASP A 346 -8.70 0.97 17.01
N LEU A 347 -8.22 1.97 16.26
CA LEU A 347 -8.85 2.34 14.98
C LEU A 347 -8.71 1.21 13.98
N VAL A 348 -7.53 0.60 13.90
CA VAL A 348 -7.31 -0.59 13.06
C VAL A 348 -8.32 -1.69 13.41
N GLU A 349 -8.48 -1.98 14.69
CA GLU A 349 -9.38 -3.05 15.16
CA GLU A 349 -9.37 -3.06 15.13
C GLU A 349 -10.85 -2.72 14.92
N GLU A 350 -11.23 -1.49 15.24
CA GLU A 350 -12.61 -1.01 15.05
C GLU A 350 -13.03 -1.05 13.59
N CYS A 351 -12.12 -0.62 12.70
CA CYS A 351 -12.37 -0.65 11.26
C CYS A 351 -12.59 -2.07 10.70
N LYS A 352 -11.85 -3.05 11.24
CA LYS A 352 -12.00 -4.47 10.87
CA LYS A 352 -12.01 -4.46 10.86
C LYS A 352 -13.39 -5.00 11.21
N THR A 353 -13.90 -4.62 12.38
CA THR A 353 -15.24 -5.07 12.85
C THR A 353 -16.34 -4.02 12.61
N ARG A 354 -16.13 -3.12 11.64
CA ARG A 354 -17.08 -2.07 11.33
C ARG A 354 -18.12 -2.60 10.35
N LYS A 355 -19.22 -1.88 10.21
CA LYS A 355 -20.20 -2.14 9.14
C LYS A 355 -19.61 -1.78 7.76
N LEU A 356 -19.62 -2.75 6.85
CA LEU A 356 -19.24 -2.52 5.44
C LEU A 356 -20.35 -1.76 4.70
N ASP A 357 -21.59 -1.93 5.14
CA ASP A 357 -22.74 -1.17 4.65
C ASP A 357 -22.75 0.24 5.27
N GLY A 358 -22.73 1.25 4.41
CA GLY A 358 -22.75 2.65 4.84
C GLY A 358 -21.45 3.36 4.48
N LYS A 359 -20.94 4.16 5.43
CA LYS A 359 -19.90 5.15 5.12
C LYS A 359 -18.46 4.61 5.14
N SER A 360 -17.56 5.41 4.56
CA SER A 360 -16.14 5.11 4.62
C SER A 360 -15.63 5.23 6.05
N PHE A 361 -14.44 4.70 6.28
CA PHE A 361 -13.78 4.96 7.55
C PHE A 361 -13.69 6.46 7.80
N LEU A 362 -13.20 7.22 6.83
CA LEU A 362 -13.03 8.66 7.02
C LEU A 362 -14.33 9.32 7.39
N ASP A 363 -15.41 9.00 6.68
CA ASP A 363 -16.69 9.62 6.97
C ASP A 363 -17.22 9.24 8.37
N SER A 364 -16.90 8.03 8.85
CA SER A 364 -17.24 7.61 10.21
C SER A 364 -16.48 8.35 11.31
N MET A 365 -15.32 8.92 10.99
CA MET A 365 -14.53 9.69 11.95
C MET A 365 -14.87 11.20 11.98
N ARG A 366 -15.81 11.65 11.14
CA ARG A 366 -16.14 13.07 11.04
C ARG A 366 -16.94 13.53 12.25
N ILE A 367 -16.68 14.74 12.73
CA ILE A 367 -17.43 15.29 13.88
C ILE A 367 -18.81 15.71 13.44
#